data_8DKD
#
_entry.id   8DKD
#
_cell.length_a   102.408
_cell.length_b   102.408
_cell.length_c   134.159
_cell.angle_alpha   90.000
_cell.angle_beta   90.000
_cell.angle_gamma   120.000
#
_symmetry.space_group_name_H-M   'P 31 2 1'
#
loop_
_entity.id
_entity.type
_entity.pdbx_description
1 polymer 'Beta sliding clamp'
2 water water
#
_entity_poly.entity_id   1
_entity_poly.type   'polypeptide(L)'
_entity_poly.pdbx_seq_one_letter_code
;MATTTVGLTDLKVRLVRDDFADAVAWVARSLPSRPTVPVLAGVLLTGSDDGLTISSFDYEVSAEVQIPAEIAAPGTVLVS
GRLLSEITRALPNKPVDLSVEGTRVSLTCGSARFSLPTMAVEDYPALPELPAETGSVPADLFAEAIGQVAVAAGRDDTLP
MLTGIRVEISGDRMVLAATDRFRLAVRELTWTTKTPDVEAAVLVPAKTLAEAAKTGLDGSEVQLALGAGPSVGQDGLLGI
RSEGKRSTTRLLDAEFPKFRQLLPTEHTAMATIGVGELTEAIKRVALVADRGAQVRMEFADDVLHLSAGADDVGRAEEDL
PVSFSGEPLTIAFNPGYLTDGLGALHSERVTFGFTTPSKPAVLRPATEADAALNGNGPFPAAETDYVYLLMPVRLPG
;
_entity_poly.pdbx_strand_id   A
#
# COMPACT_ATOMS: atom_id res chain seq x y z
N THR A 5 9.18 24.98 -17.37
CA THR A 5 10.43 25.15 -18.10
C THR A 5 11.32 26.15 -17.38
N VAL A 6 12.63 26.09 -17.65
CA VAL A 6 13.58 26.97 -17.00
C VAL A 6 13.09 28.41 -17.02
N GLY A 7 13.23 29.10 -15.90
CA GLY A 7 12.88 30.50 -15.81
C GLY A 7 14.07 31.34 -15.40
N LEU A 8 14.52 32.23 -16.30
CA LEU A 8 15.63 33.11 -15.99
C LEU A 8 15.35 33.99 -14.78
N THR A 9 14.09 34.24 -14.46
CA THR A 9 13.74 35.11 -13.35
C THR A 9 13.98 34.42 -12.02
N ASP A 10 14.24 35.25 -11.00
CA ASP A 10 14.33 34.78 -9.62
C ASP A 10 12.93 34.78 -9.02
N LEU A 11 12.55 33.65 -8.45
CA LEU A 11 11.18 33.46 -8.00
C LEU A 11 10.81 34.45 -6.89
N LYS A 12 9.54 34.82 -6.86
CA LYS A 12 8.98 35.66 -5.79
C LYS A 12 7.50 35.34 -5.72
N VAL A 13 7.06 34.74 -4.61
CA VAL A 13 5.72 34.18 -4.50
C VAL A 13 5.18 34.38 -3.10
N ARG A 14 3.85 34.45 -2.99
CA ARG A 14 3.15 34.44 -1.72
C ARG A 14 2.13 33.32 -1.73
N LEU A 15 2.10 32.54 -0.64
CA LEU A 15 1.19 31.42 -0.50
C LEU A 15 0.52 31.47 0.86
N VAL A 16 -0.37 30.51 1.11
CA VAL A 16 -0.97 30.30 2.41
C VAL A 16 -0.33 29.07 3.04
N ARG A 17 -0.14 29.11 4.37
CA ARG A 17 0.55 28.01 5.03
C ARG A 17 -0.12 26.68 4.71
N ASP A 18 -1.40 26.52 5.10
CA ASP A 18 -2.09 25.25 4.96
C ASP A 18 -1.78 24.56 3.63
N ASP A 19 -1.99 25.29 2.53
CA ASP A 19 -1.74 24.71 1.21
C ASP A 19 -0.27 24.33 1.05
N PHE A 20 0.63 25.28 1.34
CA PHE A 20 2.05 25.03 1.14
C PHE A 20 2.55 23.87 2.00
N ALA A 21 2.09 23.81 3.25
CA ALA A 21 2.52 22.73 4.15
C ALA A 21 1.98 21.38 3.67
N ASP A 22 0.70 21.32 3.30
CA ASP A 22 0.16 20.07 2.79
C ASP A 22 0.94 19.59 1.57
N ALA A 23 1.21 20.50 0.63
CA ALA A 23 1.94 20.14 -0.58
C ALA A 23 3.35 19.66 -0.24
N VAL A 24 4.12 20.51 0.46
CA VAL A 24 5.48 20.13 0.82
C VAL A 24 5.48 18.82 1.61
N ALA A 25 4.40 18.55 2.33
CA ALA A 25 4.33 17.31 3.10
C ALA A 25 4.19 16.11 2.18
N TRP A 26 3.10 16.07 1.39
CA TRP A 26 2.89 14.94 0.50
C TRP A 26 4.05 14.74 -0.46
N VAL A 27 4.69 15.82 -0.89
CA VAL A 27 5.84 15.70 -1.77
C VAL A 27 7.08 15.23 -1.00
N ALA A 28 7.19 15.60 0.28
CA ALA A 28 8.36 15.20 1.06
C ALA A 28 8.30 13.71 1.41
N ARG A 29 7.12 13.21 1.77
CA ARG A 29 7.00 11.79 2.10
C ARG A 29 7.42 10.91 0.92
N SER A 30 7.21 11.40 -0.31
CA SER A 30 7.58 10.65 -1.49
C SER A 30 9.08 10.72 -1.80
N LEU A 31 9.84 11.49 -1.02
CA LEU A 31 11.27 11.60 -1.25
C LEU A 31 12.00 10.37 -0.76
N PRO A 32 13.19 10.08 -1.32
CA PRO A 32 14.03 9.01 -0.77
C PRO A 32 14.72 9.44 0.51
N SER A 33 15.66 8.63 0.99
CA SER A 33 16.40 8.92 2.21
C SER A 33 17.86 9.24 1.86
N ARG A 34 18.06 10.44 1.31
CA ARG A 34 19.39 10.91 0.92
C ARG A 34 20.10 9.85 0.09
N PRO A 35 19.78 9.74 -1.21
CA PRO A 35 20.38 8.68 -2.02
C PRO A 35 21.77 9.04 -2.51
N THR A 36 22.24 8.33 -3.55
CA THR A 36 23.57 8.60 -4.08
C THR A 36 23.71 10.05 -4.53
N VAL A 37 22.76 10.53 -5.33
CA VAL A 37 22.84 11.88 -5.90
C VAL A 37 22.21 12.85 -4.90
N PRO A 38 23.00 13.72 -4.26
CA PRO A 38 22.39 14.66 -3.30
C PRO A 38 21.28 15.49 -3.90
N VAL A 39 21.37 15.82 -5.20
CA VAL A 39 20.34 16.62 -5.84
C VAL A 39 18.97 16.00 -5.68
N LEU A 40 18.89 14.66 -5.66
CA LEU A 40 17.59 14.01 -5.52
C LEU A 40 16.92 14.32 -4.19
N ALA A 41 17.70 14.68 -3.17
CA ALA A 41 17.12 15.06 -1.89
C ALA A 41 16.40 16.40 -1.95
N GLY A 42 16.52 17.13 -3.07
CA GLY A 42 15.90 18.43 -3.17
C GLY A 42 14.47 18.37 -3.70
N VAL A 43 13.74 19.44 -3.43
CA VAL A 43 12.37 19.61 -3.88
C VAL A 43 12.33 20.75 -4.88
N LEU A 44 11.57 20.55 -5.96
CA LEU A 44 11.45 21.53 -7.03
C LEU A 44 10.26 22.44 -6.76
N LEU A 45 10.48 23.74 -6.88
CA LEU A 45 9.43 24.74 -6.69
C LEU A 45 9.40 25.59 -7.96
N THR A 46 8.42 25.34 -8.81
CA THR A 46 8.27 26.03 -10.09
C THR A 46 7.05 26.93 -10.01
N GLY A 47 7.28 28.23 -9.82
CA GLY A 47 6.21 29.20 -9.76
C GLY A 47 5.90 29.85 -11.09
N SER A 48 4.67 29.68 -11.57
CA SER A 48 4.24 30.20 -12.86
C SER A 48 2.72 30.21 -12.91
N ASP A 49 2.17 31.15 -13.67
CA ASP A 49 0.74 31.24 -13.96
C ASP A 49 -0.10 31.04 -12.71
N ASP A 50 0.07 31.96 -11.76
CA ASP A 50 -0.71 32.03 -10.53
C ASP A 50 -0.62 30.76 -9.68
N GLY A 51 0.30 29.86 -10.00
CA GLY A 51 0.40 28.61 -9.26
C GLY A 51 1.84 28.23 -9.01
N LEU A 52 2.05 27.52 -7.90
CA LEU A 52 3.36 27.00 -7.52
C LEU A 52 3.32 25.48 -7.65
N THR A 53 4.18 24.95 -8.52
CA THR A 53 4.28 23.52 -8.76
C THR A 53 5.41 22.96 -7.90
N ILE A 54 5.05 22.22 -6.87
CA ILE A 54 6.01 21.54 -6.00
C ILE A 54 6.17 20.12 -6.50
N SER A 55 7.40 19.76 -6.88
CA SER A 55 7.69 18.47 -7.48
C SER A 55 8.86 17.82 -6.77
N SER A 56 8.94 16.49 -6.91
CA SER A 56 10.06 15.72 -6.40
C SER A 56 10.14 14.44 -7.22
N PHE A 57 11.37 13.99 -7.49
CA PHE A 57 11.60 12.83 -8.33
C PHE A 57 12.73 11.99 -7.74
N ASP A 58 12.51 10.68 -7.71
CA ASP A 58 13.44 9.72 -7.12
C ASP A 58 14.01 8.76 -8.16
N TYR A 59 13.87 9.08 -9.45
CA TYR A 59 14.14 8.17 -10.55
C TYR A 59 13.28 6.91 -10.50
N GLU A 60 12.30 6.88 -9.60
CA GLU A 60 11.40 5.74 -9.45
C GLU A 60 10.03 6.25 -9.05
N VAL A 61 9.98 7.10 -8.03
CA VAL A 61 8.74 7.68 -7.54
C VAL A 61 8.76 9.17 -7.88
N SER A 62 7.69 9.63 -8.53
CA SER A 62 7.50 11.04 -8.85
C SER A 62 6.30 11.56 -8.06
N ALA A 63 6.43 12.77 -7.54
CA ALA A 63 5.36 13.41 -6.80
C ALA A 63 5.27 14.86 -7.24
N GLU A 64 4.07 15.30 -7.61
CA GLU A 64 3.87 16.67 -8.09
C GLU A 64 2.52 17.18 -7.64
N VAL A 65 2.49 18.44 -7.20
CA VAL A 65 1.27 19.10 -6.75
C VAL A 65 1.40 20.59 -7.05
N GLN A 66 0.27 21.20 -7.43
CA GLN A 66 0.23 22.62 -7.76
C GLN A 66 -0.66 23.36 -6.76
N ILE A 67 -0.22 24.55 -6.38
CA ILE A 67 -0.91 25.35 -5.35
C ILE A 67 -1.31 26.70 -5.94
N PRO A 68 -2.44 27.27 -5.53
CA PRO A 68 -2.69 28.67 -5.87
C PRO A 68 -1.73 29.57 -5.11
N ALA A 69 -1.09 30.50 -5.81
CA ALA A 69 -0.07 31.33 -5.19
C ALA A 69 0.07 32.64 -5.95
N GLU A 70 0.02 33.75 -5.22
CA GLU A 70 0.23 35.07 -5.81
C GLU A 70 1.67 35.18 -6.29
N ILE A 71 1.87 35.08 -7.59
CA ILE A 71 3.21 35.18 -8.18
C ILE A 71 3.53 36.65 -8.43
N ALA A 72 4.67 37.09 -7.91
CA ALA A 72 5.20 38.41 -8.24
C ALA A 72 6.28 38.35 -9.31
N ALA A 73 6.99 37.24 -9.41
CA ALA A 73 7.99 37.02 -10.44
C ALA A 73 8.19 35.51 -10.57
N PRO A 74 8.02 34.94 -11.76
CA PRO A 74 8.09 33.48 -11.90
C PRO A 74 9.50 32.97 -11.64
N GLY A 75 9.64 31.66 -11.63
CA GLY A 75 10.95 31.06 -11.47
C GLY A 75 10.85 29.61 -11.08
N THR A 76 12.03 29.00 -10.94
CA THR A 76 12.15 27.61 -10.51
C THR A 76 13.32 27.52 -9.54
N VAL A 77 13.09 26.86 -8.40
CA VAL A 77 14.09 26.77 -7.34
C VAL A 77 14.12 25.35 -6.81
N LEU A 78 15.31 24.84 -6.54
CA LEU A 78 15.51 23.54 -5.92
C LEU A 78 16.06 23.75 -4.51
N VAL A 79 15.42 23.15 -3.52
CA VAL A 79 15.81 23.34 -2.13
C VAL A 79 15.69 22.03 -1.37
N SER A 80 16.51 21.88 -0.33
CA SER A 80 16.52 20.66 0.46
C SER A 80 15.12 20.26 0.87
N GLY A 81 14.71 19.07 0.45
CA GLY A 81 13.34 18.64 0.69
C GLY A 81 13.01 18.48 2.16
N ARG A 82 13.86 17.76 2.90
CA ARG A 82 13.58 17.52 4.31
C ARG A 82 13.57 18.82 5.10
N LEU A 83 14.54 19.70 4.82
CA LEU A 83 14.59 20.98 5.52
C LEU A 83 13.35 21.81 5.22
N LEU A 84 12.98 21.91 3.94
CA LEU A 84 11.76 22.59 3.58
C LEU A 84 10.56 21.98 4.30
N SER A 85 10.48 20.65 4.34
CA SER A 85 9.34 20.00 4.98
C SER A 85 9.26 20.36 6.46
N GLU A 86 10.39 20.28 7.17
CA GLU A 86 10.37 20.59 8.59
C GLU A 86 10.00 22.05 8.83
N ILE A 87 10.62 22.96 8.07
CA ILE A 87 10.35 24.38 8.25
C ILE A 87 8.87 24.68 7.99
N THR A 88 8.39 24.30 6.80
CA THR A 88 6.98 24.53 6.48
C THR A 88 6.08 23.89 7.51
N ARG A 89 6.47 22.70 8.01
CA ARG A 89 5.71 22.06 9.08
C ARG A 89 5.70 22.90 10.34
N ALA A 90 6.68 23.78 10.54
CA ALA A 90 6.78 24.60 11.74
C ALA A 90 6.40 26.06 11.51
N LEU A 91 5.89 26.40 10.32
CA LEU A 91 5.51 27.78 10.05
C LEU A 91 4.17 28.11 10.72
N PRO A 92 3.97 29.37 11.12
CA PRO A 92 2.65 29.78 11.61
C PRO A 92 1.64 29.86 10.47
N ASN A 93 0.37 29.88 10.85
CA ASN A 93 -0.71 29.88 9.86
C ASN A 93 -0.70 31.12 8.97
N LYS A 94 0.14 32.11 9.25
CA LYS A 94 0.18 33.31 8.45
C LYS A 94 0.70 32.99 7.04
N PRO A 95 0.28 33.75 6.02
CA PRO A 95 0.78 33.51 4.66
C PRO A 95 2.30 33.55 4.59
N VAL A 96 2.82 32.91 3.55
CA VAL A 96 4.26 32.65 3.41
C VAL A 96 4.77 33.38 2.19
N ASP A 97 5.75 34.26 2.41
CA ASP A 97 6.48 34.89 1.33
C ASP A 97 7.73 34.08 0.99
N LEU A 98 8.08 34.07 -0.29
CA LEU A 98 9.16 33.20 -0.77
C LEU A 98 9.85 33.89 -1.94
N SER A 99 11.11 34.29 -1.74
CA SER A 99 11.88 34.97 -2.76
C SER A 99 13.25 34.32 -2.90
N VAL A 100 13.96 34.69 -3.96
CA VAL A 100 15.28 34.13 -4.27
C VAL A 100 16.30 35.27 -4.27
N GLU A 101 17.43 35.03 -3.62
CA GLU A 101 18.47 36.04 -3.52
C GLU A 101 19.79 35.52 -4.10
N GLY A 102 19.78 35.18 -5.38
CA GLY A 102 20.96 34.65 -6.04
C GLY A 102 21.19 33.19 -5.70
N THR A 103 21.95 32.93 -4.64
CA THR A 103 22.22 31.58 -4.17
C THR A 103 21.41 31.21 -2.94
N ARG A 104 20.55 32.10 -2.46
CA ARG A 104 19.71 31.86 -1.29
C ARG A 104 18.24 31.82 -1.69
N VAL A 105 17.43 31.27 -0.80
CA VAL A 105 15.99 31.16 -1.01
C VAL A 105 15.26 31.67 0.22
N SER A 106 15.15 32.99 0.36
CA SER A 106 14.54 33.56 1.55
C SER A 106 13.07 33.20 1.63
N LEU A 107 12.63 32.83 2.83
CA LEU A 107 11.25 32.48 3.10
C LEU A 107 10.79 33.22 4.35
N THR A 108 9.94 34.23 4.16
CA THR A 108 9.45 35.04 5.25
C THR A 108 8.04 34.61 5.64
N CYS A 109 7.73 34.76 6.93
CA CYS A 109 6.40 34.39 7.42
C CYS A 109 6.22 35.02 8.80
N GLY A 110 5.35 36.01 8.89
CA GLY A 110 5.11 36.68 10.16
C GLY A 110 6.39 37.27 10.71
N SER A 111 6.76 36.83 11.92
CA SER A 111 7.98 37.31 12.57
C SER A 111 9.19 36.44 12.27
N ALA A 112 9.01 35.30 11.60
CA ALA A 112 10.10 34.37 11.34
C ALA A 112 10.57 34.51 9.89
N ARG A 113 11.88 34.32 9.69
CA ARG A 113 12.49 34.40 8.37
C ARG A 113 13.53 33.31 8.24
N PHE A 114 13.55 32.64 7.08
CA PHE A 114 14.47 31.56 6.80
C PHE A 114 15.25 31.86 5.53
N SER A 115 16.43 31.25 5.42
CA SER A 115 17.34 31.46 4.29
C SER A 115 18.02 30.14 3.98
N LEU A 116 17.43 29.39 3.05
CA LEU A 116 17.98 28.08 2.67
C LEU A 116 18.84 28.20 1.42
N PRO A 117 19.92 27.42 1.32
CA PRO A 117 20.75 27.49 0.11
C PRO A 117 20.07 26.79 -1.06
N THR A 118 20.20 27.39 -2.24
CA THR A 118 19.59 26.84 -3.44
C THR A 118 20.46 25.71 -3.97
N MET A 119 19.84 24.55 -4.19
CA MET A 119 20.53 23.43 -4.80
C MET A 119 20.57 23.61 -6.32
N ALA A 120 21.59 23.01 -6.94
CA ALA A 120 21.81 23.18 -8.38
C ALA A 120 20.70 22.48 -9.14
N VAL A 121 19.70 23.27 -9.59
CA VAL A 121 18.65 22.71 -10.42
C VAL A 121 19.18 22.29 -11.79
N GLU A 122 20.34 22.80 -12.18
CA GLU A 122 20.93 22.42 -13.47
C GLU A 122 21.12 20.91 -13.54
N ASP A 123 21.47 20.29 -12.43
CA ASP A 123 21.69 18.85 -12.38
C ASP A 123 20.43 18.05 -12.06
N TYR A 124 19.33 18.72 -11.73
CA TYR A 124 18.11 18.01 -11.37
C TYR A 124 17.54 17.30 -12.59
N PRO A 125 17.04 16.08 -12.43
CA PRO A 125 16.48 15.35 -13.56
C PRO A 125 15.10 15.87 -13.94
N ALA A 126 14.57 15.32 -15.04
CA ALA A 126 13.24 15.69 -15.50
C ALA A 126 12.19 15.07 -14.58
N LEU A 127 10.93 15.29 -14.93
CA LEU A 127 9.79 14.74 -14.19
C LEU A 127 8.93 13.97 -15.17
N PRO A 128 8.90 12.64 -15.11
CA PRO A 128 8.18 11.87 -16.12
C PRO A 128 6.73 12.31 -16.26
N GLU A 129 6.33 12.58 -17.51
CA GLU A 129 4.95 12.89 -17.80
C GLU A 129 4.11 11.62 -17.72
N LEU A 130 2.98 11.69 -17.02
CA LEU A 130 2.21 10.50 -16.73
C LEU A 130 1.66 9.89 -18.02
N PRO A 131 1.39 8.57 -18.04
CA PRO A 131 0.86 7.95 -19.25
C PRO A 131 -0.58 8.35 -19.54
N ALA A 132 -1.14 7.83 -20.62
CA ALA A 132 -2.54 8.09 -20.94
C ALA A 132 -3.44 7.43 -19.90
N GLU A 133 -4.41 8.19 -19.40
CA GLU A 133 -5.34 7.66 -18.42
C GLU A 133 -5.93 6.34 -18.88
N THR A 134 -6.09 5.41 -17.94
CA THR A 134 -6.73 4.13 -18.20
C THR A 134 -8.07 3.97 -17.50
N GLY A 135 -8.28 4.64 -16.38
CA GLY A 135 -9.58 4.60 -15.75
C GLY A 135 -9.58 5.29 -14.41
N SER A 136 -10.70 5.16 -13.70
CA SER A 136 -10.93 5.82 -12.42
C SER A 136 -11.36 4.79 -11.39
N VAL A 137 -10.99 5.06 -10.14
CA VAL A 137 -11.31 4.17 -9.02
C VAL A 137 -11.76 5.00 -7.83
N PRO A 138 -12.66 4.44 -7.01
CA PRO A 138 -12.99 5.12 -5.75
C PRO A 138 -11.78 5.16 -4.82
N ALA A 139 -11.60 6.32 -4.17
CA ALA A 139 -10.42 6.55 -3.33
C ALA A 139 -10.41 5.61 -2.12
N ASP A 140 -11.34 5.81 -1.18
CA ASP A 140 -11.33 5.04 0.05
C ASP A 140 -11.30 3.54 -0.22
N LEU A 141 -12.10 3.08 -1.18
CA LEU A 141 -12.14 1.65 -1.49
C LEU A 141 -10.81 1.18 -2.08
N PHE A 142 -10.25 1.96 -3.01
CA PHE A 142 -8.97 1.60 -3.60
C PHE A 142 -7.89 1.50 -2.53
N ALA A 143 -7.78 2.52 -1.69
CA ALA A 143 -6.80 2.48 -0.61
C ALA A 143 -7.01 1.27 0.28
N GLU A 144 -8.27 1.00 0.64
CA GLU A 144 -8.57 -0.18 1.45
C GLU A 144 -8.03 -1.44 0.78
N ALA A 145 -8.25 -1.58 -0.52
CA ALA A 145 -7.75 -2.75 -1.24
C ALA A 145 -6.23 -2.83 -1.17
N ILE A 146 -5.54 -1.76 -1.55
CA ILE A 146 -4.08 -1.74 -1.49
C ILE A 146 -3.59 -2.13 -0.10
N GLY A 147 -4.27 -1.61 0.93
CA GLY A 147 -3.88 -1.97 2.29
C GLY A 147 -4.10 -3.43 2.60
N GLN A 148 -5.21 -4.00 2.11
CA GLN A 148 -5.50 -5.39 2.38
C GLN A 148 -4.52 -6.32 1.68
N VAL A 149 -4.06 -5.94 0.48
CA VAL A 149 -3.15 -6.80 -0.27
C VAL A 149 -1.71 -6.58 0.17
N ALA A 150 -1.30 -5.32 0.31
CA ALA A 150 0.08 -5.00 0.68
C ALA A 150 0.51 -5.70 1.97
N VAL A 151 -0.44 -6.12 2.79
CA VAL A 151 -0.11 -6.79 4.04
C VAL A 151 0.80 -7.99 3.77
N ALA A 152 0.56 -8.69 2.66
CA ALA A 152 1.29 -9.92 2.34
C ALA A 152 2.33 -9.70 1.23
N ALA A 153 2.90 -8.51 1.17
CA ALA A 153 3.89 -8.18 0.15
C ALA A 153 5.29 -8.43 0.68
N GLY A 154 6.13 -9.05 -0.16
CA GLY A 154 7.51 -9.25 0.24
C GLY A 154 8.22 -7.92 0.44
N ARG A 155 9.04 -7.86 1.50
CA ARG A 155 9.77 -6.64 1.86
C ARG A 155 11.27 -6.82 1.73
N ASP A 156 11.72 -7.79 0.94
CA ASP A 156 13.13 -8.05 0.70
C ASP A 156 13.43 -7.69 -0.75
N ASP A 157 14.26 -6.66 -0.94
CA ASP A 157 14.61 -6.20 -2.29
C ASP A 157 15.48 -7.20 -3.05
N THR A 158 15.88 -8.30 -2.42
CA THR A 158 16.62 -9.36 -3.11
C THR A 158 15.70 -10.38 -3.77
N LEU A 159 14.39 -10.13 -3.75
CA LEU A 159 13.40 -11.03 -4.37
C LEU A 159 12.33 -10.17 -5.02
N PRO A 160 12.68 -9.47 -6.09
CA PRO A 160 11.74 -8.49 -6.69
C PRO A 160 10.36 -9.05 -6.98
N MET A 161 10.23 -10.35 -7.28
CA MET A 161 8.92 -10.91 -7.59
C MET A 161 7.91 -10.63 -6.50
N LEU A 162 8.34 -10.71 -5.24
CA LEU A 162 7.46 -10.48 -4.10
C LEU A 162 7.41 -9.02 -3.69
N THR A 163 8.38 -8.21 -4.13
CA THR A 163 8.49 -6.83 -3.72
C THR A 163 7.34 -5.95 -4.22
N GLY A 164 6.49 -6.48 -5.11
CA GLY A 164 5.46 -5.69 -5.75
C GLY A 164 4.06 -6.22 -5.49
N ILE A 165 3.09 -5.40 -5.83
CA ILE A 165 1.68 -5.77 -5.85
C ILE A 165 1.24 -5.82 -7.30
N ARG A 166 0.66 -6.96 -7.70
CA ARG A 166 0.19 -7.12 -9.07
C ARG A 166 -1.17 -6.47 -9.22
N VAL A 167 -1.27 -5.55 -10.18
CA VAL A 167 -2.52 -4.88 -10.53
C VAL A 167 -2.95 -5.40 -11.90
N GLU A 168 -4.09 -6.07 -11.95
CA GLU A 168 -4.62 -6.62 -13.19
C GLU A 168 -5.90 -5.89 -13.55
N ILE A 169 -6.06 -5.59 -14.83
CA ILE A 169 -7.25 -4.93 -15.35
C ILE A 169 -7.91 -5.88 -16.35
N SER A 170 -9.25 -5.98 -16.25
CA SER A 170 -10.05 -6.78 -17.19
C SER A 170 -11.44 -6.12 -17.25
N GLY A 171 -11.55 -5.09 -18.07
CA GLY A 171 -12.80 -4.35 -18.16
C GLY A 171 -12.95 -3.45 -16.95
N ASP A 172 -14.14 -3.47 -16.35
CA ASP A 172 -14.42 -2.72 -15.13
C ASP A 172 -14.13 -3.52 -13.87
N ARG A 173 -13.34 -4.59 -13.98
CA ARG A 173 -12.93 -5.40 -12.84
C ARG A 173 -11.42 -5.47 -12.82
N MET A 174 -10.81 -5.08 -11.71
CA MET A 174 -9.38 -5.19 -11.51
C MET A 174 -9.09 -6.09 -10.31
N VAL A 175 -7.88 -6.65 -10.29
CA VAL A 175 -7.47 -7.61 -9.28
C VAL A 175 -6.12 -7.17 -8.73
N LEU A 176 -6.05 -6.97 -7.42
CA LEU A 176 -4.81 -6.67 -6.72
C LEU A 176 -4.38 -7.91 -5.97
N ALA A 177 -3.10 -8.28 -6.11
CA ALA A 177 -2.61 -9.47 -5.43
C ALA A 177 -1.12 -9.32 -5.16
N ALA A 178 -0.73 -9.68 -3.94
CA ALA A 178 0.68 -9.71 -3.55
C ALA A 178 0.97 -10.99 -2.78
N THR A 179 2.25 -11.30 -2.64
CA THR A 179 2.65 -12.51 -1.93
C THR A 179 4.05 -12.35 -1.38
N ASP A 180 4.29 -12.99 -0.24
CA ASP A 180 5.58 -12.95 0.42
C ASP A 180 6.26 -14.31 0.40
N ARG A 181 5.66 -15.29 -0.32
CA ARG A 181 6.14 -16.66 -0.46
C ARG A 181 5.36 -17.59 0.45
N PHE A 182 4.89 -17.08 1.57
CA PHE A 182 4.15 -17.85 2.55
C PHE A 182 2.70 -17.39 2.65
N ARG A 183 2.49 -16.08 2.59
CA ARG A 183 1.16 -15.50 2.56
C ARG A 183 0.91 -14.95 1.17
N LEU A 184 -0.32 -15.10 0.69
CA LEU A 184 -0.72 -14.70 -0.66
C LEU A 184 -2.09 -14.06 -0.57
N ALA A 185 -2.13 -12.74 -0.74
CA ALA A 185 -3.36 -11.97 -0.61
C ALA A 185 -3.86 -11.54 -1.98
N VAL A 186 -5.17 -11.65 -2.17
CA VAL A 186 -5.82 -11.28 -3.42
C VAL A 186 -7.10 -10.52 -3.10
N ARG A 187 -7.44 -9.58 -3.98
CA ARG A 187 -8.55 -8.67 -3.76
C ARG A 187 -9.11 -8.24 -5.11
N GLU A 188 -10.36 -8.58 -5.38
CA GLU A 188 -11.04 -8.11 -6.58
C GLU A 188 -11.76 -6.81 -6.28
N LEU A 189 -11.78 -5.91 -7.27
CA LEU A 189 -12.35 -4.58 -7.08
C LEU A 189 -12.84 -4.05 -8.41
N THR A 190 -14.08 -3.58 -8.44
CA THR A 190 -14.68 -3.01 -9.63
C THR A 190 -14.40 -1.52 -9.71
N TRP A 191 -14.06 -1.05 -10.90
CA TRP A 191 -13.71 0.35 -11.11
C TRP A 191 -14.38 0.82 -12.40
N THR A 192 -13.82 1.86 -13.03
CA THR A 192 -14.29 2.37 -14.29
C THR A 192 -13.12 2.47 -15.26
N THR A 193 -13.31 1.99 -16.49
CA THR A 193 -12.28 2.02 -17.50
C THR A 193 -12.59 3.07 -18.56
N LYS A 194 -11.54 3.61 -19.18
CA LYS A 194 -11.67 4.42 -20.37
C LYS A 194 -11.34 3.66 -21.64
N THR A 195 -10.79 2.46 -21.53
CA THR A 195 -10.56 1.57 -22.66
C THR A 195 -11.48 0.37 -22.51
N PRO A 196 -12.63 0.33 -23.21
CA PRO A 196 -13.70 -0.63 -22.86
C PRO A 196 -13.22 -2.05 -22.59
N ASP A 197 -12.68 -2.72 -23.61
CA ASP A 197 -12.22 -4.10 -23.47
C ASP A 197 -10.72 -4.14 -23.16
N VAL A 198 -10.31 -3.42 -22.13
CA VAL A 198 -8.91 -3.39 -21.72
C VAL A 198 -8.59 -4.59 -20.85
N GLU A 199 -7.45 -5.22 -21.11
CA GLU A 199 -6.95 -6.33 -20.31
C GLU A 199 -5.44 -6.20 -20.22
N ALA A 200 -4.93 -6.04 -19.00
CA ALA A 200 -3.49 -5.89 -18.81
C ALA A 200 -3.16 -6.25 -17.37
N ALA A 201 -1.87 -6.40 -17.10
CA ALA A 201 -1.38 -6.73 -15.77
C ALA A 201 -0.02 -6.06 -15.58
N VAL A 202 0.22 -5.59 -14.36
CA VAL A 202 1.44 -4.84 -14.05
C VAL A 202 1.85 -5.14 -12.63
N LEU A 203 3.15 -5.04 -12.36
CA LEU A 203 3.72 -5.27 -11.03
C LEU A 203 4.25 -3.94 -10.50
N VAL A 204 3.59 -3.42 -9.48
CA VAL A 204 3.92 -2.11 -8.91
C VAL A 204 4.70 -2.30 -7.61
N PRO A 205 5.74 -1.50 -7.34
CA PRO A 205 6.43 -1.61 -6.05
C PRO A 205 5.48 -1.48 -4.87
N ALA A 206 5.41 -2.51 -4.03
CA ALA A 206 4.45 -2.53 -2.94
C ALA A 206 4.67 -1.36 -1.99
N LYS A 207 5.93 -1.04 -1.68
CA LYS A 207 6.21 0.04 -0.75
C LYS A 207 5.66 1.36 -1.27
N THR A 208 5.85 1.64 -2.57
CA THR A 208 5.41 2.91 -3.13
C THR A 208 3.89 2.97 -3.25
N LEU A 209 3.28 1.87 -3.72
CA LEU A 209 1.83 1.87 -3.85
C LEU A 209 1.16 2.03 -2.48
N ALA A 210 1.61 1.26 -1.49
CA ALA A 210 1.10 1.45 -0.13
C ALA A 210 1.36 2.87 0.35
N GLU A 211 2.55 3.40 0.08
CA GLU A 211 2.86 4.78 0.43
C GLU A 211 1.81 5.73 -0.13
N ALA A 212 1.42 5.55 -1.39
CA ALA A 212 0.38 6.39 -1.97
C ALA A 212 -0.98 6.12 -1.35
N ALA A 213 -1.26 4.87 -0.99
CA ALA A 213 -2.55 4.55 -0.39
C ALA A 213 -2.74 5.26 0.94
N LYS A 214 -1.66 5.47 1.69
CA LYS A 214 -1.79 6.11 2.99
C LYS A 214 -2.00 7.62 2.88
N THR A 215 -1.47 8.24 1.83
CA THR A 215 -1.43 9.70 1.76
C THR A 215 -1.77 10.26 0.39
N GLY A 216 -2.15 9.44 -0.59
CA GLY A 216 -2.40 9.92 -1.94
C GLY A 216 -3.85 9.83 -2.35
N LEU A 217 -4.52 8.74 -1.99
CA LEU A 217 -5.93 8.54 -2.29
C LEU A 217 -6.76 9.32 -1.27
N ASP A 218 -6.67 10.64 -1.37
CA ASP A 218 -7.31 11.54 -0.41
C ASP A 218 -8.61 12.13 -0.92
N GLY A 219 -8.86 12.08 -2.22
CA GLY A 219 -10.05 12.65 -2.82
C GLY A 219 -11.21 11.68 -2.84
N SER A 220 -12.20 12.01 -3.67
CA SER A 220 -13.35 11.13 -3.88
C SER A 220 -13.10 10.10 -4.97
N GLU A 221 -12.22 10.42 -5.93
CA GLU A 221 -11.86 9.51 -7.00
C GLU A 221 -10.37 9.56 -7.22
N VAL A 222 -9.83 8.45 -7.74
CA VAL A 222 -8.40 8.30 -7.98
C VAL A 222 -8.22 7.83 -9.42
N GLN A 223 -7.51 8.63 -10.22
CA GLN A 223 -7.30 8.31 -11.62
C GLN A 223 -6.04 7.47 -11.79
N LEU A 224 -6.14 6.42 -12.58
CA LEU A 224 -5.04 5.50 -12.86
C LEU A 224 -4.69 5.58 -14.34
N ALA A 225 -3.43 5.86 -14.63
CA ALA A 225 -2.96 6.06 -15.99
C ALA A 225 -1.87 5.05 -16.31
N LEU A 226 -2.10 4.21 -17.31
CA LEU A 226 -1.14 3.22 -17.75
C LEU A 226 -0.92 3.29 -19.25
N GLY A 227 -1.95 3.68 -19.99
CA GLY A 227 -1.84 3.76 -21.44
C GLY A 227 -3.22 3.69 -22.09
N ALA A 228 -3.24 3.21 -23.33
CA ALA A 228 -4.44 3.14 -24.12
C ALA A 228 -4.34 2.00 -25.13
N GLY A 229 -5.37 1.14 -25.16
CA GLY A 229 -5.43 0.05 -26.11
C GLY A 229 -4.29 -0.94 -25.93
N PRO A 230 -3.54 -1.20 -27.01
CA PRO A 230 -2.39 -2.13 -26.87
C PRO A 230 -1.21 -1.53 -26.14
N SER A 231 -1.20 -0.22 -25.90
CA SER A 231 -0.12 0.44 -25.18
C SER A 231 -0.36 0.52 -23.68
N VAL A 232 -1.40 -0.15 -23.18
CA VAL A 232 -1.68 -0.15 -21.74
C VAL A 232 -0.59 -0.94 -21.04
N GLY A 233 0.18 -0.26 -20.18
CA GLY A 233 1.32 -0.85 -19.52
C GLY A 233 2.61 -0.78 -20.31
N GLN A 234 2.54 -0.53 -21.62
CA GLN A 234 3.75 -0.42 -22.42
C GLN A 234 4.61 0.75 -21.96
N ASP A 235 4.00 1.79 -21.39
CA ASP A 235 4.76 2.95 -20.97
C ASP A 235 5.81 2.60 -19.91
N GLY A 236 5.55 1.58 -19.10
CA GLY A 236 6.48 1.14 -18.09
C GLY A 236 6.37 1.85 -16.75
N LEU A 237 5.47 2.84 -16.63
CA LEU A 237 5.25 3.57 -15.41
C LEU A 237 3.76 3.64 -15.12
N LEU A 238 3.42 3.75 -13.84
CA LEU A 238 2.04 3.88 -13.41
C LEU A 238 1.82 5.29 -12.88
N GLY A 239 0.82 5.97 -13.43
CA GLY A 239 0.44 7.29 -12.96
C GLY A 239 -0.81 7.22 -12.09
N ILE A 240 -0.81 7.99 -11.02
CA ILE A 240 -1.93 8.04 -10.08
C ILE A 240 -2.19 9.50 -9.76
N ARG A 241 -3.40 9.99 -10.06
CA ARG A 241 -3.74 11.38 -9.88
C ARG A 241 -5.04 11.50 -9.11
N SER A 242 -5.05 12.36 -8.09
CA SER A 242 -6.24 12.60 -7.29
C SER A 242 -6.11 13.96 -6.63
N GLU A 243 -7.11 14.81 -6.82
CA GLU A 243 -7.15 16.13 -6.18
C GLU A 243 -5.93 16.97 -6.56
N GLY A 244 -5.52 16.87 -7.82
CA GLY A 244 -4.37 17.62 -8.30
C GLY A 244 -3.02 17.10 -7.85
N LYS A 245 -2.99 16.15 -6.90
CA LYS A 245 -1.74 15.55 -6.44
C LYS A 245 -1.48 14.34 -7.32
N ARG A 246 -0.64 14.51 -8.34
CA ARG A 246 -0.36 13.44 -9.29
C ARG A 246 1.04 12.88 -9.07
N SER A 247 1.15 11.56 -9.07
CA SER A 247 2.39 10.86 -8.78
C SER A 247 2.62 9.76 -9.81
N THR A 248 3.89 9.37 -9.94
CA THR A 248 4.30 8.35 -10.88
C THR A 248 5.14 7.30 -10.14
N THR A 249 5.12 6.08 -10.66
CA THR A 249 5.88 4.98 -10.08
C THR A 249 6.40 4.09 -11.19
N ARG A 250 7.72 3.89 -11.24
CA ARG A 250 8.30 3.02 -12.24
C ARG A 250 7.97 1.57 -11.91
N LEU A 251 7.54 0.81 -12.91
CA LEU A 251 7.09 -0.56 -12.69
C LEU A 251 8.28 -1.49 -12.48
N LEU A 252 7.98 -2.69 -11.97
CA LEU A 252 9.01 -3.68 -11.70
C LEU A 252 9.21 -4.58 -12.90
N ASP A 253 10.49 -4.84 -13.23
CA ASP A 253 10.78 -5.71 -14.37
C ASP A 253 10.35 -7.14 -14.10
N ALA A 254 10.59 -7.65 -12.90
CA ALA A 254 10.24 -9.02 -12.58
C ALA A 254 8.74 -9.24 -12.75
N GLU A 255 8.38 -10.48 -13.08
CA GLU A 255 6.99 -10.85 -13.30
C GLU A 255 6.45 -11.61 -12.10
N PHE A 256 5.17 -11.42 -11.83
CA PHE A 256 4.55 -11.98 -10.65
C PHE A 256 4.35 -13.49 -10.82
N PRO A 257 4.58 -14.28 -9.78
CA PRO A 257 4.38 -15.74 -9.92
C PRO A 257 2.92 -16.10 -10.10
N LYS A 258 2.69 -17.18 -10.85
CA LYS A 258 1.34 -17.66 -11.08
C LYS A 258 0.70 -18.02 -9.75
N PHE A 259 -0.38 -17.33 -9.40
CA PHE A 259 -0.99 -17.46 -8.09
C PHE A 259 -2.38 -18.07 -8.11
N ARG A 260 -3.16 -17.86 -9.17
CA ARG A 260 -4.51 -18.42 -9.21
C ARG A 260 -4.48 -19.93 -9.05
N GLN A 261 -3.49 -20.59 -9.65
CA GLN A 261 -3.38 -22.04 -9.53
C GLN A 261 -3.28 -22.48 -8.07
N LEU A 262 -2.75 -21.61 -7.20
CA LEU A 262 -2.55 -21.95 -5.80
C LEU A 262 -3.83 -21.85 -4.97
N LEU A 263 -4.92 -21.32 -5.54
CA LEU A 263 -6.14 -21.14 -4.76
C LEU A 263 -6.94 -22.44 -4.75
N PRO A 264 -7.22 -23.02 -3.58
CA PRO A 264 -7.93 -24.30 -3.56
C PRO A 264 -9.37 -24.16 -4.04
N THR A 265 -9.90 -25.26 -4.56
CA THR A 265 -11.29 -25.33 -5.00
C THR A 265 -12.20 -25.78 -3.86
N GLU A 266 -11.94 -26.96 -3.32
CA GLU A 266 -12.72 -27.53 -2.23
C GLU A 266 -11.91 -27.50 -0.94
N HIS A 267 -12.61 -27.38 0.18
CA HIS A 267 -12.00 -27.35 1.50
C HIS A 267 -12.47 -28.56 2.29
N THR A 268 -11.53 -29.30 2.86
CA THR A 268 -11.86 -30.44 3.70
C THR A 268 -12.63 -29.99 4.93
N ALA A 269 -12.03 -29.10 5.72
CA ALA A 269 -12.66 -28.57 6.92
C ALA A 269 -12.88 -27.07 6.77
N MET A 270 -13.86 -26.55 7.50
CA MET A 270 -14.18 -25.14 7.49
C MET A 270 -14.46 -24.67 8.91
N ALA A 271 -13.93 -23.50 9.26
CA ALA A 271 -14.16 -22.90 10.57
C ALA A 271 -14.67 -21.49 10.38
N THR A 272 -15.53 -21.05 11.30
CA THR A 272 -16.02 -19.68 11.30
C THR A 272 -16.02 -19.18 12.74
N ILE A 273 -15.31 -18.08 12.97
CA ILE A 273 -15.11 -17.55 14.31
C ILE A 273 -14.96 -16.04 14.23
N GLY A 274 -15.28 -15.36 15.34
CA GLY A 274 -15.15 -13.92 15.37
C GLY A 274 -13.71 -13.48 15.25
N VAL A 275 -13.49 -12.39 14.50
CA VAL A 275 -12.14 -11.92 14.27
C VAL A 275 -11.50 -11.44 15.58
N GLY A 276 -12.18 -10.55 16.29
CA GLY A 276 -11.63 -9.97 17.50
C GLY A 276 -11.17 -10.99 18.52
N GLU A 277 -12.10 -11.86 18.93
CA GLU A 277 -11.76 -12.86 19.94
C GLU A 277 -10.60 -13.73 19.50
N LEU A 278 -10.62 -14.17 18.24
CA LEU A 278 -9.52 -14.99 17.72
C LEU A 278 -8.20 -14.24 17.80
N THR A 279 -8.18 -12.99 17.35
CA THR A 279 -6.96 -12.19 17.37
C THR A 279 -6.42 -12.10 18.80
N GLU A 280 -7.28 -11.71 19.74
CA GLU A 280 -6.84 -11.63 21.14
C GLU A 280 -6.24 -12.95 21.59
N ALA A 281 -6.95 -14.07 21.33
CA ALA A 281 -6.44 -15.36 21.74
C ALA A 281 -5.07 -15.65 21.13
N ILE A 282 -4.88 -15.31 19.85
CA ILE A 282 -3.62 -15.59 19.19
C ILE A 282 -2.49 -14.77 19.81
N LYS A 283 -2.73 -13.49 20.06
CA LYS A 283 -1.71 -12.66 20.70
C LYS A 283 -1.39 -13.18 22.10
N ARG A 284 -2.43 -13.45 22.91
CA ARG A 284 -2.22 -14.01 24.23
C ARG A 284 -1.32 -15.25 24.17
N VAL A 285 -1.75 -16.27 23.42
CA VAL A 285 -1.00 -17.52 23.35
C VAL A 285 0.38 -17.29 22.74
N ALA A 286 0.56 -16.24 21.94
CA ALA A 286 1.84 -15.98 21.30
C ALA A 286 2.85 -15.39 22.27
N LEU A 287 2.39 -14.63 23.27
CA LEU A 287 3.31 -13.99 24.21
C LEU A 287 4.27 -15.01 24.83
N VAL A 288 3.83 -16.24 25.05
CA VAL A 288 4.69 -17.25 25.65
C VAL A 288 5.86 -17.57 24.71
N ALA A 289 5.55 -17.83 23.44
CA ALA A 289 6.60 -18.14 22.48
C ALA A 289 7.55 -16.95 22.33
N ASP A 290 8.74 -17.24 21.82
CA ASP A 290 9.75 -16.23 21.57
C ASP A 290 9.55 -15.69 20.15
N ARG A 291 10.51 -14.90 19.66
CA ARG A 291 10.41 -14.34 18.31
C ARG A 291 10.02 -15.43 17.30
N GLY A 292 10.87 -16.44 17.15
CA GLY A 292 10.50 -17.60 16.36
C GLY A 292 9.39 -18.37 17.03
N ALA A 293 8.16 -18.21 16.54
CA ALA A 293 7.00 -18.74 17.25
C ALA A 293 6.14 -19.63 16.35
N GLN A 294 4.99 -20.06 16.86
CA GLN A 294 4.10 -20.94 16.13
C GLN A 294 2.78 -21.08 16.88
N VAL A 295 1.67 -20.74 16.24
CA VAL A 295 0.35 -20.85 16.84
C VAL A 295 -0.27 -22.15 16.34
N ARG A 296 -0.62 -23.04 17.27
CA ARG A 296 -1.22 -24.33 16.94
C ARG A 296 -2.72 -24.28 17.18
N MET A 297 -3.49 -24.66 16.16
CA MET A 297 -4.94 -24.59 16.19
C MET A 297 -5.48 -26.00 16.03
N GLU A 298 -6.12 -26.50 17.09
CA GLU A 298 -6.69 -27.85 17.11
C GLU A 298 -8.21 -27.69 17.06
N PHE A 299 -8.77 -27.90 15.87
CA PHE A 299 -10.21 -27.77 15.65
C PHE A 299 -10.89 -29.11 15.95
N ALA A 300 -11.83 -29.09 16.89
CA ALA A 300 -12.56 -30.28 17.30
C ALA A 300 -13.91 -29.89 17.88
N ASP A 301 -14.98 -30.44 17.32
CA ASP A 301 -16.35 -30.29 17.80
C ASP A 301 -16.64 -28.86 18.24
N ASP A 302 -16.59 -27.97 17.25
CA ASP A 302 -16.96 -26.56 17.44
C ASP A 302 -16.17 -25.93 18.58
N VAL A 303 -14.98 -26.46 18.86
CA VAL A 303 -14.10 -25.92 19.89
C VAL A 303 -12.69 -25.87 19.32
N LEU A 304 -12.03 -24.73 19.48
CA LEU A 304 -10.68 -24.50 18.98
C LEU A 304 -9.73 -24.50 20.19
N HIS A 305 -8.87 -25.51 20.26
CA HIS A 305 -7.86 -25.60 21.30
C HIS A 305 -6.59 -24.95 20.75
N LEU A 306 -6.42 -23.66 21.02
CA LEU A 306 -5.32 -22.87 20.49
C LEU A 306 -4.15 -22.95 21.46
N SER A 307 -3.18 -23.82 21.17
CA SER A 307 -2.01 -24.01 22.01
C SER A 307 -0.77 -23.47 21.30
N ALA A 308 0.30 -23.32 22.08
CA ALA A 308 1.59 -22.87 21.55
C ALA A 308 2.61 -22.95 22.68
N GLY A 309 3.86 -22.64 22.33
CA GLY A 309 4.94 -22.62 23.29
C GLY A 309 5.58 -23.98 23.46
N ALA A 310 6.79 -23.97 24.01
CA ALA A 310 7.58 -25.17 24.24
C ALA A 310 7.76 -25.41 25.74
N ASP A 311 8.23 -26.62 26.07
CA ASP A 311 8.37 -27.02 27.46
C ASP A 311 9.50 -26.31 28.18
N ASP A 312 10.35 -25.56 27.47
CA ASP A 312 11.48 -24.86 28.09
C ASP A 312 11.16 -23.41 28.43
N VAL A 313 10.63 -22.65 27.46
CA VAL A 313 10.24 -21.27 27.73
C VAL A 313 8.83 -21.17 28.29
N GLY A 314 8.02 -22.23 28.16
CA GLY A 314 6.66 -22.21 28.64
C GLY A 314 5.69 -22.53 27.51
N ARG A 315 4.47 -22.95 27.88
CA ARG A 315 3.45 -23.28 26.90
C ARG A 315 2.11 -22.71 27.34
N ALA A 316 1.32 -22.26 26.37
CA ALA A 316 0.01 -21.68 26.61
C ALA A 316 -1.03 -22.42 25.78
N GLU A 317 -2.27 -22.35 26.24
CA GLU A 317 -3.38 -22.96 25.51
C GLU A 317 -4.68 -22.29 25.94
N GLU A 318 -5.49 -21.90 24.95
CA GLU A 318 -6.77 -21.25 25.18
C GLU A 318 -7.84 -21.92 24.33
N ASP A 319 -8.99 -22.19 24.93
CA ASP A 319 -10.10 -22.86 24.26
C ASP A 319 -11.15 -21.82 23.87
N LEU A 320 -11.56 -21.83 22.61
CA LEU A 320 -12.57 -20.92 22.10
C LEU A 320 -13.66 -21.68 21.38
N PRO A 321 -14.89 -21.15 21.36
CA PRO A 321 -15.94 -21.76 20.55
C PRO A 321 -15.82 -21.36 19.09
N VAL A 322 -16.25 -22.28 18.21
CA VAL A 322 -16.11 -22.08 16.77
C VAL A 322 -17.26 -22.75 16.06
N SER A 323 -17.70 -22.15 14.95
CA SER A 323 -18.66 -22.78 14.05
C SER A 323 -17.85 -23.61 13.06
N PHE A 324 -17.57 -24.85 13.43
CA PHE A 324 -16.69 -25.72 12.68
C PHE A 324 -17.50 -26.79 11.97
N SER A 325 -16.94 -27.29 10.85
CA SER A 325 -17.60 -28.33 10.08
C SER A 325 -16.54 -29.04 9.24
N GLY A 326 -16.70 -30.35 9.10
CA GLY A 326 -15.76 -31.17 8.37
C GLY A 326 -14.97 -32.09 9.28
N GLU A 327 -13.86 -32.59 8.75
CA GLU A 327 -13.03 -33.51 9.53
C GLU A 327 -12.22 -32.71 10.56
N PRO A 328 -12.04 -33.25 11.79
CA PRO A 328 -11.23 -32.54 12.79
C PRO A 328 -9.85 -32.19 12.26
N LEU A 329 -9.13 -31.31 12.94
CA LEU A 329 -7.87 -30.82 12.38
C LEU A 329 -6.95 -30.35 13.50
N THR A 330 -5.66 -30.35 13.18
CA THR A 330 -4.59 -29.84 14.06
C THR A 330 -3.55 -29.20 13.17
N ILE A 331 -3.63 -27.88 13.00
CA ILE A 331 -2.81 -27.16 12.03
C ILE A 331 -2.09 -26.01 12.72
N ALA A 332 -0.86 -25.77 12.29
CA ALA A 332 -0.01 -24.74 12.89
C ALA A 332 0.29 -23.65 11.88
N PHE A 333 0.36 -22.41 12.36
CA PHE A 333 0.62 -21.25 11.53
C PHE A 333 1.64 -20.34 12.23
N ASN A 334 2.03 -19.29 11.53
CA ASN A 334 2.90 -18.25 12.07
C ASN A 334 2.05 -17.17 12.74
N PRO A 335 2.35 -16.78 13.98
CA PRO A 335 1.50 -15.78 14.64
C PRO A 335 1.46 -14.45 13.90
N GLY A 336 2.62 -13.97 13.45
CA GLY A 336 2.65 -12.70 12.74
C GLY A 336 1.79 -12.72 11.49
N TYR A 337 2.04 -13.70 10.61
CA TYR A 337 1.27 -13.79 9.37
C TYR A 337 -0.21 -13.97 9.65
N LEU A 338 -0.56 -14.83 10.60
CA LEU A 338 -1.96 -15.06 10.94
C LEU A 338 -2.62 -13.77 11.41
N THR A 339 -1.98 -13.07 12.36
CA THR A 339 -2.51 -11.78 12.79
C THR A 339 -2.64 -10.82 11.62
N ASP A 340 -1.63 -10.78 10.75
CA ASP A 340 -1.68 -9.90 9.59
C ASP A 340 -2.93 -10.17 8.76
N GLY A 341 -3.18 -11.43 8.41
CA GLY A 341 -4.37 -11.75 7.63
C GLY A 341 -5.66 -11.36 8.33
N LEU A 342 -5.81 -11.81 9.58
CA LEU A 342 -7.03 -11.48 10.33
C LEU A 342 -7.27 -9.98 10.36
N GLY A 343 -6.20 -9.19 10.49
CA GLY A 343 -6.33 -7.74 10.48
C GLY A 343 -6.62 -7.17 9.11
N ALA A 344 -6.24 -7.88 8.05
CA ALA A 344 -6.49 -7.40 6.70
C ALA A 344 -7.89 -7.76 6.20
N LEU A 345 -8.56 -8.72 6.85
CA LEU A 345 -9.90 -9.10 6.40
C LEU A 345 -10.86 -7.91 6.40
N HIS A 346 -10.71 -7.02 7.38
CA HIS A 346 -11.63 -5.89 7.54
C HIS A 346 -13.07 -6.39 7.63
N SER A 347 -13.25 -7.50 8.36
CA SER A 347 -14.56 -8.12 8.55
C SER A 347 -14.79 -8.33 10.04
N GLU A 348 -16.06 -8.57 10.38
CA GLU A 348 -16.44 -8.84 11.76
C GLU A 348 -16.35 -10.31 12.14
N ARG A 349 -16.39 -11.21 11.16
CA ARG A 349 -16.31 -12.64 11.41
C ARG A 349 -15.51 -13.28 10.29
N VAL A 350 -14.58 -14.17 10.65
CA VAL A 350 -13.67 -14.77 9.69
C VAL A 350 -14.08 -16.21 9.44
N THR A 351 -13.86 -16.65 8.20
CA THR A 351 -14.09 -18.03 7.79
C THR A 351 -12.79 -18.61 7.25
N PHE A 352 -12.39 -19.75 7.81
CA PHE A 352 -11.18 -20.46 7.41
C PHE A 352 -11.56 -21.64 6.52
N GLY A 353 -10.86 -21.76 5.38
CA GLY A 353 -10.98 -22.93 4.54
C GLY A 353 -9.74 -23.79 4.64
N PHE A 354 -9.85 -24.93 5.33
CA PHE A 354 -8.73 -25.83 5.56
C PHE A 354 -8.83 -27.03 4.64
N THR A 355 -7.68 -27.42 4.08
CA THR A 355 -7.58 -28.61 3.24
C THR A 355 -6.78 -29.71 3.91
N THR A 356 -5.51 -29.44 4.22
CA THR A 356 -4.60 -30.40 4.84
C THR A 356 -3.80 -29.66 5.91
N PRO A 357 -3.50 -30.29 7.03
CA PRO A 357 -2.65 -29.63 8.05
C PRO A 357 -1.29 -29.21 7.52
N SER A 358 -0.90 -29.66 6.32
CA SER A 358 0.35 -29.26 5.69
C SER A 358 0.14 -28.38 4.48
N LYS A 359 -1.06 -28.36 3.89
CA LYS A 359 -1.34 -27.53 2.73
C LYS A 359 -1.88 -26.17 3.16
N PRO A 360 -1.85 -25.19 2.26
CA PRO A 360 -2.26 -23.83 2.63
C PRO A 360 -3.69 -23.79 3.16
N ALA A 361 -3.95 -22.75 3.94
CA ALA A 361 -5.27 -22.50 4.51
C ALA A 361 -5.79 -21.15 4.04
N VAL A 362 -7.08 -21.09 3.76
CA VAL A 362 -7.72 -19.89 3.24
C VAL A 362 -8.33 -19.12 4.40
N LEU A 363 -8.17 -17.81 4.38
CA LEU A 363 -8.84 -16.91 5.31
C LEU A 363 -9.62 -15.90 4.50
N ARG A 364 -10.93 -15.90 4.66
CA ARG A 364 -11.79 -14.99 3.92
C ARG A 364 -12.92 -14.51 4.83
N PRO A 365 -13.51 -13.36 4.52
CA PRO A 365 -14.65 -12.89 5.33
C PRO A 365 -15.76 -13.92 5.36
N ALA A 366 -16.39 -14.06 6.52
CA ALA A 366 -17.48 -15.00 6.68
C ALA A 366 -18.71 -14.51 5.92
N THR A 367 -19.55 -15.46 5.50
CA THR A 367 -20.77 -15.17 4.78
C THR A 367 -21.91 -15.99 5.37
N GLU A 368 -23.10 -15.41 5.36
CA GLU A 368 -24.28 -16.16 5.78
C GLU A 368 -24.44 -17.44 4.97
N ALA A 369 -23.85 -17.50 3.78
CA ALA A 369 -23.82 -18.76 3.04
C ALA A 369 -23.08 -19.83 3.82
N ASP A 370 -21.99 -19.47 4.48
CA ASP A 370 -21.26 -20.43 5.30
C ASP A 370 -21.97 -20.73 6.60
N ALA A 371 -22.86 -19.85 7.06
CA ALA A 371 -23.61 -20.13 8.28
C ALA A 371 -24.48 -21.37 8.13
N ALA A 372 -25.00 -21.61 6.93
CA ALA A 372 -25.79 -22.81 6.64
C ALA A 372 -24.90 -23.84 5.96
N LEU A 373 -23.92 -24.32 6.73
CA LEU A 373 -22.90 -25.24 6.21
C LEU A 373 -22.61 -26.27 7.29
N ASN A 374 -23.09 -27.50 7.08
CA ASN A 374 -22.84 -28.59 8.01
C ASN A 374 -22.85 -29.89 7.23
N GLY A 375 -21.87 -30.75 7.51
CA GLY A 375 -21.76 -32.02 6.82
C GLY A 375 -20.34 -32.54 6.93
N ASN A 376 -20.09 -33.62 6.19
CA ASN A 376 -18.76 -34.23 6.16
C ASN A 376 -17.84 -33.59 5.13
N GLY A 377 -18.40 -32.99 4.08
CA GLY A 377 -17.60 -32.37 3.05
C GLY A 377 -17.22 -33.34 1.95
N PRO A 378 -16.32 -32.93 1.05
CA PRO A 378 -15.68 -31.61 0.99
C PRO A 378 -16.67 -30.47 0.73
N PHE A 379 -16.22 -29.23 0.93
CA PHE A 379 -17.07 -28.07 0.73
C PHE A 379 -16.50 -27.17 -0.37
N PRO A 380 -17.35 -26.66 -1.27
CA PRO A 380 -16.84 -25.72 -2.27
C PRO A 380 -16.39 -24.42 -1.64
N ALA A 381 -15.47 -23.74 -2.33
CA ALA A 381 -14.94 -22.47 -1.88
C ALA A 381 -15.79 -21.31 -2.42
N ALA A 382 -15.91 -20.26 -1.62
CA ALA A 382 -16.68 -19.09 -2.00
C ALA A 382 -15.82 -18.11 -2.79
N GLU A 383 -16.49 -17.24 -3.55
CA GLU A 383 -15.82 -16.23 -4.36
C GLU A 383 -15.86 -14.87 -3.67
N THR A 384 -15.28 -14.82 -2.48
CA THR A 384 -15.23 -13.58 -1.73
C THR A 384 -14.45 -12.51 -2.49
N ASP A 385 -14.61 -11.27 -2.06
CA ASP A 385 -13.89 -10.17 -2.70
C ASP A 385 -12.41 -10.18 -2.32
N TYR A 386 -12.10 -10.46 -1.06
CA TYR A 386 -10.74 -10.52 -0.57
C TYR A 386 -10.46 -11.90 0.02
N VAL A 387 -9.30 -12.44 -0.29
CA VAL A 387 -8.88 -13.75 0.20
C VAL A 387 -7.42 -13.68 0.62
N TYR A 388 -7.11 -14.32 1.75
CA TYR A 388 -5.76 -14.34 2.32
C TYR A 388 -5.35 -15.80 2.49
N LEU A 389 -4.39 -16.24 1.68
CA LEU A 389 -3.93 -17.62 1.69
C LEU A 389 -2.64 -17.71 2.49
N LEU A 390 -2.67 -18.43 3.61
CA LEU A 390 -1.52 -18.56 4.50
C LEU A 390 -1.00 -19.98 4.47
N MET A 391 0.31 -20.11 4.30
CA MET A 391 0.96 -21.41 4.32
C MET A 391 1.20 -21.82 5.77
N PRO A 392 0.67 -22.96 6.24
CA PRO A 392 0.95 -23.38 7.61
C PRO A 392 2.40 -23.79 7.79
N VAL A 393 2.73 -24.35 8.96
CA VAL A 393 4.10 -24.74 9.28
C VAL A 393 4.08 -26.15 9.88
N ARG A 394 5.28 -26.68 10.09
CA ARG A 394 5.43 -28.04 10.58
C ARG A 394 5.11 -28.13 12.06
N LEU A 395 4.69 -29.32 12.49
CA LEU A 395 4.36 -29.60 13.87
C LEU A 395 5.54 -30.24 14.59
N PRO A 396 5.52 -30.27 15.92
CA PRO A 396 6.65 -30.87 16.65
C PRO A 396 6.89 -32.31 16.23
N GLY A 397 8.16 -32.65 16.03
CA GLY A 397 8.55 -33.98 15.63
C GLY A 397 10.05 -34.20 15.66
#